data_7VR4
#
_entry.id   7VR4
#
_cell.length_a   68.245
_cell.length_b   71.199
_cell.length_c   81.146
_cell.angle_alpha   90.000
_cell.angle_beta   101.580
_cell.angle_gamma   90.000
#
_symmetry.space_group_name_H-M   'C 1 2 1'
#
loop_
_entity.id
_entity.type
_entity.pdbx_description
1 polymer '(-)-pulegone reductase PR1294 from Nepeta tenuifolia in complex with NADPH'
2 non-polymer 'NADP NICOTINAMIDE-ADENINE-DINUCLEOTIDE PHOSPHATE'
3 water water
#
_entity_poly.entity_id   1
_entity_poly.type   'polypeptide(L)'
_entity_poly.pdbx_seq_one_letter_code
;MVEEVSNKQIIFKDYINGFPKESDMILKTSTIKLKVPEGCNDAVLVKNLYLSCDPYMRSRMSKLDDNYVPIFIPGSPITG
DGVAKVLDSSHPDFKRGDLIRGITGWEEYTLIQSAEFITKIQHTDLPLSYHIGILGMPGLTAYAGFYEISSPKEGETVFV
SAASGAVGQLVGQFAKLSGCYVVGSAGTKDKVDMLKNKFGFDDAFNYKEEHDLDAALKRYFPEGIDIYFDNVGGKMLDAV
LPNMKTKGRIATCGMISQYNLDEAEGVRNLFCIMTKQIRMQGYLVYYYRHLYPKLFDLVVPLLRQGKINYVEDVAEGLES
APAALIGLFSGRNVGKQVVRVATE
;
_entity_poly.pdbx_strand_id   A
#
# COMPACT_ATOMS: atom_id res chain seq x y z
N VAL A 2 -15.20 17.01 30.59
CA VAL A 2 -15.15 16.56 29.20
C VAL A 2 -14.75 17.71 28.29
N GLU A 3 -13.49 17.71 27.86
CA GLU A 3 -13.02 18.72 26.92
C GLU A 3 -13.74 18.59 25.57
N GLU A 4 -14.27 19.71 25.07
CA GLU A 4 -14.70 19.81 23.67
C GLU A 4 -13.67 20.62 22.90
N VAL A 5 -13.15 20.03 21.82
CA VAL A 5 -12.02 20.59 21.11
C VAL A 5 -12.31 20.70 19.61
N SER A 6 -11.50 21.51 18.94
CA SER A 6 -11.53 21.58 17.49
C SER A 6 -11.09 20.25 16.89
N ASN A 7 -11.67 19.92 15.73
CA ASN A 7 -11.37 18.68 15.02
C ASN A 7 -11.26 19.02 13.53
N LYS A 8 -10.03 19.17 13.05
CA LYS A 8 -9.81 19.37 11.63
C LYS A 8 -10.10 18.06 10.89
N GLN A 9 -10.71 18.18 9.71
CA GLN A 9 -11.07 17.03 8.88
C GLN A 9 -10.75 17.31 7.42
N ILE A 10 -10.38 16.26 6.69
CA ILE A 10 -10.25 16.33 5.24
C ILE A 10 -11.52 15.70 4.66
N ILE A 11 -12.35 16.54 4.04
CA ILE A 11 -13.66 16.12 3.54
C ILE A 11 -13.54 15.80 2.05
N PHE A 12 -14.14 14.69 1.64
CA PHE A 12 -14.23 14.37 0.22
C PHE A 12 -15.28 15.25 -0.44
N LYS A 13 -14.89 15.98 -1.49
CA LYS A 13 -15.82 16.95 -2.07
C LYS A 13 -16.92 16.27 -2.88
N ASP A 14 -16.54 15.58 -3.94
CA ASP A 14 -17.48 14.87 -4.79
C ASP A 14 -16.71 14.02 -5.80
N TYR A 15 -17.43 13.13 -6.47
CA TYR A 15 -16.80 12.15 -7.35
C TYR A 15 -16.07 12.85 -8.49
N ILE A 16 -15.03 12.19 -8.99
CA ILE A 16 -14.10 12.77 -9.94
C ILE A 16 -13.92 11.85 -11.14
N ASN A 17 -13.32 12.41 -12.19
CA ASN A 17 -12.77 11.67 -13.31
C ASN A 17 -11.31 12.05 -13.47
N GLY A 18 -10.54 11.14 -14.10
CA GLY A 18 -9.15 11.44 -14.38
C GLY A 18 -8.31 11.48 -13.11
N PHE A 19 -7.33 12.40 -13.10
CA PHE A 19 -6.44 12.47 -11.95
C PHE A 19 -7.11 13.26 -10.81
N PRO A 20 -6.87 12.87 -9.56
CA PRO A 20 -7.41 13.65 -8.43
C PRO A 20 -6.65 14.95 -8.26
N LYS A 21 -7.33 15.94 -7.70
CA LYS A 21 -6.78 17.27 -7.49
C LYS A 21 -6.95 17.65 -6.03
N GLU A 22 -6.11 18.57 -5.57
CA GLU A 22 -6.18 18.97 -4.18
C GLU A 22 -7.50 19.65 -3.83
N SER A 23 -8.20 20.21 -4.81
CA SER A 23 -9.52 20.78 -4.59
C SER A 23 -10.62 19.73 -4.52
N ASP A 24 -10.31 18.45 -4.75
CA ASP A 24 -11.27 17.38 -4.51
C ASP A 24 -11.36 17.01 -3.04
N MET A 25 -10.52 17.60 -2.21
CA MET A 25 -10.51 17.37 -0.78
C MET A 25 -10.45 18.73 -0.10
N ILE A 26 -11.27 18.90 0.94
CA ILE A 26 -11.49 20.21 1.54
C ILE A 26 -11.16 20.14 3.03
N LEU A 27 -10.37 21.09 3.50
CA LEU A 27 -10.09 21.18 4.93
C LEU A 27 -11.27 21.83 5.64
N LYS A 28 -11.81 21.13 6.64
CA LYS A 28 -12.95 21.59 7.42
C LYS A 28 -12.58 21.51 8.89
N THR A 29 -12.90 22.56 9.65
CA THR A 29 -12.64 22.54 11.09
C THR A 29 -13.96 22.34 11.81
N SER A 30 -14.13 21.17 12.40
CA SER A 30 -15.37 20.84 13.10
C SER A 30 -15.11 20.84 14.60
N THR A 31 -16.06 20.27 15.35
CA THR A 31 -15.98 20.18 16.79
C THR A 31 -16.27 18.75 17.21
N ILE A 32 -15.68 18.34 18.34
CA ILE A 32 -15.94 17.03 18.91
C ILE A 32 -15.72 17.12 20.42
N LYS A 33 -16.54 16.39 21.18
CA LYS A 33 -16.34 16.21 22.61
C LYS A 33 -15.56 14.93 22.83
N LEU A 34 -14.58 14.97 23.72
CA LEU A 34 -13.63 13.87 23.84
C LEU A 34 -14.13 12.79 24.80
N LYS A 35 -15.33 12.27 24.51
CA LYS A 35 -15.95 11.19 25.26
C LYS A 35 -16.85 10.42 24.32
N VAL A 36 -16.93 9.10 24.49
CA VAL A 36 -17.89 8.34 23.70
C VAL A 36 -19.29 8.75 24.10
N PRO A 37 -20.20 9.00 23.15
CA PRO A 37 -21.56 9.42 23.51
C PRO A 37 -22.25 8.37 24.37
N GLU A 38 -23.03 8.84 25.34
CA GLU A 38 -23.88 7.94 26.11
C GLU A 38 -24.92 7.31 25.19
N GLY A 39 -25.18 6.02 25.40
CA GLY A 39 -26.03 5.26 24.51
C GLY A 39 -25.36 4.81 23.23
N CYS A 40 -24.10 5.14 23.04
CA CYS A 40 -23.34 4.71 21.88
C CYS A 40 -22.42 3.59 22.33
N ASN A 41 -22.77 2.36 22.00
CA ASN A 41 -22.07 1.22 22.58
C ASN A 41 -21.14 0.55 21.57
N ASP A 42 -20.14 -0.16 22.10
CA ASP A 42 -19.15 -0.89 21.29
C ASP A 42 -18.43 0.05 20.33
N ALA A 43 -18.16 1.26 20.82
CA ALA A 43 -17.50 2.32 20.05
C ALA A 43 -16.20 2.70 20.74
N VAL A 44 -15.29 3.27 19.94
CA VAL A 44 -13.98 3.68 20.42
C VAL A 44 -13.72 5.09 19.91
N LEU A 45 -13.38 6.00 20.80
CA LEU A 45 -12.98 7.34 20.43
C LEU A 45 -11.46 7.42 20.43
N VAL A 46 -10.88 7.81 19.28
CA VAL A 46 -9.44 7.77 19.10
C VAL A 46 -8.90 9.12 18.67
N LYS A 47 -7.66 9.39 19.08
CA LYS A 47 -6.86 10.48 18.52
C LYS A 47 -5.98 9.88 17.43
N ASN A 48 -6.12 10.41 16.23
CA ASN A 48 -5.40 9.83 15.09
C ASN A 48 -3.96 10.32 15.09
N LEU A 49 -3.03 9.38 14.96
CA LEU A 49 -1.61 9.69 15.03
C LEU A 49 -0.95 9.66 13.66
N TYR A 50 -1.09 8.55 12.93
CA TYR A 50 -0.61 8.43 11.55
C TYR A 50 -1.76 8.02 10.62
N LEU A 51 -1.74 8.53 9.39
CA LEU A 51 -2.64 8.09 8.34
C LEU A 51 -1.83 7.49 7.20
N SER A 52 -2.37 6.44 6.59
CA SER A 52 -1.75 5.85 5.42
C SER A 52 -2.34 6.46 4.15
N CYS A 53 -1.49 6.68 3.15
CA CYS A 53 -1.94 7.04 1.81
C CYS A 53 -1.73 5.81 0.94
N ASP A 54 -2.79 5.39 0.22
CA ASP A 54 -2.71 4.13 -0.51
C ASP A 54 -3.30 4.31 -1.90
N PRO A 55 -2.73 3.67 -2.92
CA PRO A 55 -3.26 3.85 -4.28
C PRO A 55 -4.73 3.47 -4.43
N TYR A 56 -5.21 2.45 -3.71
CA TYR A 56 -6.61 2.05 -3.88
C TYR A 56 -7.56 3.19 -3.56
N MET A 57 -7.11 4.20 -2.81
CA MET A 57 -8.02 5.28 -2.43
C MET A 57 -8.54 6.03 -3.66
N ARG A 58 -7.78 6.02 -4.76
CA ARG A 58 -8.26 6.68 -5.97
C ARG A 58 -9.58 6.07 -6.42
N SER A 59 -9.70 4.75 -6.35
CA SER A 59 -10.91 4.11 -6.82
C SER A 59 -12.11 4.48 -5.97
N ARG A 60 -11.90 4.90 -4.72
CA ARG A 60 -13.01 5.30 -3.87
C ARG A 60 -13.55 6.67 -4.26
N MET A 61 -12.91 7.35 -5.21
CA MET A 61 -13.28 8.71 -5.61
C MET A 61 -14.14 8.76 -6.87
N SER A 62 -14.45 7.62 -7.46
CA SER A 62 -15.32 7.52 -8.62
C SER A 62 -16.44 6.54 -8.30
N LYS A 63 -17.64 6.82 -8.81
CA LYS A 63 -18.79 5.96 -8.58
C LYS A 63 -18.91 4.97 -9.75
N LEU A 64 -18.94 3.69 -9.42
CA LEU A 64 -19.07 2.66 -10.45
C LEU A 64 -20.16 1.63 -10.12
N ASP A 66 -20.35 -1.36 -10.21
CA ASP A 66 -19.64 -2.41 -9.49
C ASP A 66 -18.27 -1.96 -9.04
N ASN A 67 -18.16 -1.46 -7.83
CA ASN A 67 -16.86 -1.05 -7.32
C ASN A 67 -16.34 -2.07 -6.33
N TYR A 68 -15.03 -2.34 -6.39
CA TYR A 68 -14.45 -3.37 -5.54
C TYR A 68 -14.19 -2.89 -4.11
N VAL A 69 -14.19 -1.59 -3.86
CA VAL A 69 -14.12 -1.06 -2.50
C VAL A 69 -15.19 0.02 -2.40
N PRO A 70 -15.89 0.13 -1.27
CA PRO A 70 -16.96 1.13 -1.18
C PRO A 70 -16.42 2.54 -1.35
N ILE A 71 -17.21 3.37 -2.03
CA ILE A 71 -16.74 4.70 -2.40
C ILE A 71 -16.67 5.62 -1.19
N PHE A 72 -15.92 6.70 -1.32
CA PHE A 72 -16.02 7.78 -0.36
C PHE A 72 -17.40 8.41 -0.47
N ILE A 73 -17.86 9.01 0.61
CA ILE A 73 -19.16 9.68 0.68
C ILE A 73 -18.92 11.18 0.62
N PRO A 74 -19.45 11.90 -0.38
CA PRO A 74 -19.25 13.35 -0.43
C PRO A 74 -19.77 14.02 0.82
N GLY A 75 -19.06 15.06 1.26
CA GLY A 75 -19.39 15.75 2.49
C GLY A 75 -18.84 15.11 3.76
N SER A 76 -18.35 13.87 3.66
CA SER A 76 -17.81 13.13 4.80
C SER A 76 -16.29 13.04 4.71
N PRO A 77 -15.62 12.86 5.85
CA PRO A 77 -14.16 12.75 5.82
C PRO A 77 -13.70 11.56 5.00
N ILE A 78 -12.56 11.73 4.34
CA ILE A 78 -11.80 10.60 3.81
C ILE A 78 -11.57 9.63 4.95
N THR A 79 -11.59 8.33 4.66
CA THR A 79 -11.25 7.31 5.64
C THR A 79 -10.14 6.43 5.05
N GLY A 80 -9.41 5.76 5.94
CA GLY A 80 -8.37 4.85 5.50
C GLY A 80 -7.65 4.29 6.71
N ASP A 81 -6.61 3.51 6.43
CA ASP A 81 -5.83 2.88 7.49
C ASP A 81 -5.04 3.93 8.27
N GLY A 82 -4.97 3.75 9.58
CA GLY A 82 -4.20 4.67 10.39
C GLY A 82 -3.78 4.01 11.68
N VAL A 83 -2.94 4.74 12.43
CA VAL A 83 -2.57 4.39 13.80
C VAL A 83 -3.14 5.47 14.71
N ALA A 84 -3.76 5.05 15.82
CA ALA A 84 -4.45 6.01 16.67
C ALA A 84 -4.38 5.55 18.11
N LYS A 85 -4.64 6.50 19.01
CA LYS A 85 -4.63 6.24 20.44
C LYS A 85 -6.04 6.35 20.97
N VAL A 86 -6.47 5.34 21.72
CA VAL A 86 -7.81 5.30 22.30
C VAL A 86 -7.89 6.33 23.42
N LEU A 87 -8.88 7.22 23.34
CA LEU A 87 -9.19 8.19 24.38
C LEU A 87 -10.32 7.76 25.28
N ASP A 88 -11.31 7.05 24.74
CA ASP A 88 -12.44 6.55 25.51
C ASP A 88 -13.03 5.39 24.75
N SER A 89 -13.71 4.51 25.47
CA SER A 89 -14.20 3.30 24.85
C SER A 89 -15.45 2.80 25.54
N SER A 90 -16.43 2.39 24.75
CA SER A 90 -17.58 1.63 25.24
C SER A 90 -17.52 0.20 24.73
N HIS A 91 -16.37 -0.23 24.27
CA HIS A 91 -16.13 -1.56 23.78
C HIS A 91 -15.26 -2.34 24.76
N PRO A 92 -15.63 -3.59 25.06
CA PRO A 92 -14.87 -4.35 26.08
C PRO A 92 -13.42 -4.62 25.72
N ASP A 93 -13.07 -4.65 24.44
CA ASP A 93 -11.72 -5.03 24.03
C ASP A 93 -10.78 -3.86 23.85
N PHE A 94 -11.23 -2.63 24.05
CA PHE A 94 -10.37 -1.46 23.94
C PHE A 94 -10.57 -0.55 25.13
N LYS A 95 -9.48 0.07 25.57
CA LYS A 95 -9.51 0.93 26.73
C LYS A 95 -8.66 2.15 26.47
N ARG A 96 -8.93 3.20 27.24
CA ARG A 96 -8.17 4.44 27.12
C ARG A 96 -6.68 4.16 27.23
N GLY A 97 -5.92 4.69 26.28
CA GLY A 97 -4.49 4.50 26.24
C GLY A 97 -4.02 3.48 25.22
N ASP A 98 -4.87 2.54 24.82
CA ASP A 98 -4.47 1.55 23.82
C ASP A 98 -4.09 2.24 22.51
N LEU A 99 -3.06 1.73 21.87
CA LEU A 99 -2.71 2.11 20.51
C LEU A 99 -3.33 1.09 19.58
N ILE A 100 -3.97 1.57 18.52
CA ILE A 100 -4.68 0.69 17.58
C ILE A 100 -4.24 1.03 16.16
N ARG A 101 -4.48 0.07 15.27
CA ARG A 101 -4.37 0.29 13.84
C ARG A 101 -5.67 -0.18 13.20
N GLY A 102 -6.04 0.48 12.13
CA GLY A 102 -7.20 0.09 11.35
C GLY A 102 -7.79 1.28 10.62
N ILE A 103 -9.05 1.12 10.23
CA ILE A 103 -9.73 2.14 9.45
C ILE A 103 -10.20 3.26 10.38
N THR A 104 -9.78 4.48 10.10
CA THR A 104 -10.15 5.64 10.90
C THR A 104 -10.41 6.80 9.94
N GLY A 105 -10.71 7.97 10.50
CA GLY A 105 -11.00 9.13 9.69
C GLY A 105 -9.79 10.01 9.44
N TRP A 106 -9.83 10.71 8.29
CA TRP A 106 -8.81 11.72 7.98
C TRP A 106 -9.14 12.98 8.77
N GLU A 107 -8.84 12.92 10.07
CA GLU A 107 -9.19 13.98 11.00
C GLU A 107 -8.38 13.80 12.26
N GLU A 108 -8.48 14.76 13.18
CA GLU A 108 -7.73 14.68 14.42
C GLU A 108 -8.30 13.62 15.36
N TYR A 109 -9.63 13.50 15.42
CA TYR A 109 -10.28 12.57 16.32
C TYR A 109 -11.41 11.87 15.55
N THR A 110 -11.54 10.56 15.76
CA THR A 110 -12.58 9.78 15.12
C THR A 110 -13.31 8.95 16.17
N LEU A 111 -14.64 9.02 16.13
CA LEU A 111 -15.49 8.09 16.88
C LEU A 111 -15.71 6.86 16.02
N ILE A 112 -14.96 5.80 16.29
CA ILE A 112 -15.06 4.59 15.49
C ILE A 112 -16.19 3.73 16.04
N GLN A 113 -17.22 3.55 15.24
CA GLN A 113 -18.43 2.90 15.72
C GLN A 113 -18.55 1.40 15.50
N SER A 114 -17.69 0.81 14.69
CA SER A 114 -17.81 -0.62 14.43
C SER A 114 -16.87 -1.47 15.27
N ALA A 115 -15.59 -1.15 15.20
CA ALA A 115 -14.53 -1.81 15.97
C ALA A 115 -14.05 -3.09 15.30
N GLU A 116 -14.77 -3.55 14.29
CA GLU A 116 -14.35 -4.70 13.50
C GLU A 116 -13.08 -4.38 12.75
N PHE A 117 -13.00 -3.15 12.26
CA PHE A 117 -11.93 -2.74 11.36
C PHE A 117 -10.73 -2.17 12.11
N ILE A 118 -10.61 -2.43 13.42
CA ILE A 118 -9.45 -1.98 14.18
C ILE A 118 -8.91 -3.12 15.02
N THR A 119 -7.61 -3.05 15.32
CA THR A 119 -6.90 -4.03 16.13
C THR A 119 -5.90 -3.34 17.05
N LYS A 120 -5.77 -3.85 18.26
CA LYS A 120 -4.79 -3.28 19.18
C LYS A 120 -3.39 -3.61 18.69
N ILE A 121 -2.48 -2.65 18.84
CA ILE A 121 -1.11 -2.74 18.36
C ILE A 121 -0.27 -3.42 19.42
N GLN A 122 0.41 -4.51 19.05
CA GLN A 122 1.25 -5.23 19.99
C GLN A 122 2.65 -4.60 20.09
N ASP A 125 7.74 -1.31 20.53
CA ASP A 125 9.15 -1.57 20.21
C ASP A 125 9.58 -0.84 18.93
N LEU A 126 8.93 -1.18 17.80
CA LEU A 126 9.23 -0.62 16.49
C LEU A 126 8.45 0.68 16.30
N PRO A 127 8.82 1.50 15.30
CA PRO A 127 8.09 2.77 15.10
C PRO A 127 6.60 2.53 14.90
N LEU A 128 5.77 3.35 15.56
CA LEU A 128 4.32 3.19 15.48
C LEU A 128 3.82 3.15 14.04
N SER A 129 4.44 3.95 13.15
CA SER A 129 3.98 4.03 11.77
C SER A 129 4.20 2.72 11.00
N TYR A 130 5.07 1.84 11.48
CA TYR A 130 5.24 0.56 10.80
C TYR A 130 3.94 -0.23 10.76
N HIS A 131 2.99 0.05 11.64
CA HIS A 131 1.79 -0.76 11.71
C HIS A 131 0.79 -0.45 10.61
N ILE A 132 1.03 0.58 9.80
CA ILE A 132 0.30 0.77 8.56
C ILE A 132 1.20 0.59 7.35
N GLY A 133 2.38 -0.01 7.54
CA GLY A 133 3.29 -0.32 6.45
C GLY A 133 3.73 -1.77 6.47
N ILE A 134 5.01 -2.02 6.82
CA ILE A 134 5.56 -3.37 6.76
C ILE A 134 4.84 -4.32 7.71
N LEU A 135 4.34 -3.80 8.83
CA LEU A 135 3.56 -4.60 9.77
C LEU A 135 2.06 -4.39 9.60
N GLY A 136 1.63 -3.79 8.49
CA GLY A 136 0.23 -3.55 8.22
C GLY A 136 -0.15 -4.08 6.86
N MET A 137 -1.12 -3.39 6.26
CA MET A 137 -1.71 -3.88 5.01
C MET A 137 -0.70 -4.00 3.86
N PRO A 138 0.22 -3.06 3.63
CA PRO A 138 1.19 -3.27 2.53
C PRO A 138 2.11 -4.45 2.76
N GLY A 139 2.54 -4.67 4.01
CA GLY A 139 3.36 -5.84 4.30
C GLY A 139 2.61 -7.14 4.09
N LEU A 140 1.35 -7.20 4.52
CA LEU A 140 0.53 -8.38 4.27
C LEU A 140 0.32 -8.61 2.78
N THR A 141 0.11 -7.53 2.02
CA THR A 141 -0.01 -7.62 0.57
C THR A 141 1.24 -8.24 -0.04
N ALA A 142 2.43 -7.75 0.35
CA ALA A 142 3.65 -8.31 -0.18
C ALA A 142 3.80 -9.78 0.22
N TYR A 143 3.46 -10.12 1.47
CA TYR A 143 3.60 -11.50 1.92
C TYR A 143 2.66 -12.43 1.16
N ALA A 144 1.39 -12.06 1.04
CA ALA A 144 0.44 -12.94 0.37
C ALA A 144 0.77 -13.08 -1.11
N GLY A 145 1.04 -11.95 -1.78
CA GLY A 145 1.32 -12.01 -3.21
C GLY A 145 2.57 -12.81 -3.55
N PHE A 146 3.63 -12.67 -2.76
CA PHE A 146 4.86 -13.36 -3.09
C PHE A 146 4.87 -14.78 -2.55
N TYR A 147 4.70 -14.95 -1.23
CA TYR A 147 4.84 -16.29 -0.67
C TYR A 147 3.62 -17.18 -0.94
N GLU A 148 2.40 -16.65 -0.81
CA GLU A 148 1.23 -17.51 -1.00
C GLU A 148 0.88 -17.71 -2.47
N ILE A 149 0.91 -16.65 -3.26
CA ILE A 149 0.44 -16.71 -4.64
C ILE A 149 1.54 -17.18 -5.60
N SER A 150 2.78 -16.75 -5.41
CA SER A 150 3.80 -16.91 -6.42
C SER A 150 4.61 -18.21 -6.31
N SER A 151 4.53 -18.93 -5.20
CA SER A 151 5.23 -20.20 -5.05
C SER A 151 6.72 -20.10 -5.38
N PRO A 152 7.45 -19.20 -4.74
CA PRO A 152 8.86 -19.01 -5.12
C PRO A 152 9.70 -20.21 -4.76
N LYS A 153 10.66 -20.52 -5.63
CA LYS A 153 11.63 -21.58 -5.38
C LYS A 153 13.04 -21.01 -5.49
N GLU A 154 13.96 -21.62 -4.75
CA GLU A 154 15.36 -21.18 -4.77
C GLU A 154 15.89 -21.11 -6.19
N GLY A 155 16.56 -20.00 -6.50
CA GLY A 155 17.17 -19.81 -7.79
C GLY A 155 16.29 -19.18 -8.83
N GLU A 156 15.01 -18.99 -8.55
CA GLU A 156 14.13 -18.46 -9.58
C GLU A 156 14.38 -16.98 -9.77
N THR A 157 14.01 -16.47 -10.95
CA THR A 157 14.20 -15.06 -11.29
C THR A 157 12.90 -14.30 -11.06
N VAL A 158 13.00 -13.12 -10.46
CA VAL A 158 11.84 -12.35 -10.01
C VAL A 158 11.98 -10.92 -10.50
N PHE A 159 10.90 -10.40 -11.08
CA PHE A 159 10.80 -9.00 -11.48
C PHE A 159 9.68 -8.33 -10.70
N VAL A 160 9.94 -7.14 -10.18
CA VAL A 160 8.99 -6.39 -9.35
C VAL A 160 8.84 -4.99 -9.94
N SER A 161 7.61 -4.58 -10.23
CA SER A 161 7.40 -3.19 -10.64
C SER A 161 7.00 -2.36 -9.43
N ALA A 162 7.07 -1.04 -9.58
CA ALA A 162 6.94 -0.10 -8.46
C ALA A 162 7.76 -0.61 -7.27
N ALA A 163 9.00 -0.98 -7.56
CA ALA A 163 9.75 -1.82 -6.64
C ALA A 163 10.22 -1.08 -5.38
N SER A 164 10.25 0.26 -5.39
CA SER A 164 10.66 0.96 -4.18
C SER A 164 9.48 1.34 -3.29
N GLY A 165 8.26 0.97 -3.68
CA GLY A 165 7.08 1.38 -2.96
C GLY A 165 6.82 0.54 -1.73
N ALA A 166 5.67 0.83 -1.10
CA ALA A 166 5.29 0.19 0.16
C ALA A 166 5.26 -1.32 0.04
N VAL A 167 4.70 -1.82 -1.07
CA VAL A 167 4.62 -3.26 -1.29
C VAL A 167 5.91 -3.77 -1.92
N GLY A 168 6.35 -3.13 -3.01
CA GLY A 168 7.45 -3.67 -3.79
C GLY A 168 8.74 -3.80 -3.01
N GLN A 169 9.03 -2.85 -2.13
CA GLN A 169 10.31 -2.92 -1.42
C GLN A 169 10.38 -4.16 -0.53
N LEU A 170 9.23 -4.65 -0.06
CA LEU A 170 9.24 -5.87 0.73
C LEU A 170 9.31 -7.10 -0.16
N VAL A 171 8.61 -7.10 -1.29
CA VAL A 171 8.67 -8.24 -2.20
C VAL A 171 10.12 -8.53 -2.58
N GLY A 172 10.90 -7.48 -2.87
CA GLY A 172 12.27 -7.68 -3.27
C GLY A 172 13.10 -8.31 -2.17
N GLN A 173 12.86 -7.90 -0.91
CA GLN A 173 13.60 -8.49 0.19
C GLN A 173 13.13 -9.91 0.52
N PHE A 174 11.83 -10.20 0.39
CA PHE A 174 11.37 -11.59 0.51
C PHE A 174 12.01 -12.46 -0.56
N ALA A 175 12.10 -11.95 -1.79
CA ALA A 175 12.69 -12.75 -2.87
C ALA A 175 14.15 -13.07 -2.56
N LYS A 176 14.90 -12.12 -1.99
CA LYS A 176 16.27 -12.40 -1.58
C LYS A 176 16.31 -13.43 -0.46
N LEU A 177 15.39 -13.35 0.51
CA LEU A 177 15.31 -14.37 1.56
C LEU A 177 15.10 -15.75 0.98
N SER A 178 14.35 -15.83 -0.13
CA SER A 178 14.04 -17.11 -0.75
C SER A 178 15.15 -17.61 -1.65
N GLY A 179 16.26 -16.87 -1.76
CA GLY A 179 17.33 -17.26 -2.66
C GLY A 179 17.05 -17.02 -4.13
N CYS A 180 16.29 -15.98 -4.46
CA CYS A 180 15.95 -15.62 -5.83
C CYS A 180 16.86 -14.53 -6.37
N TYR A 181 16.94 -14.45 -7.69
CA TYR A 181 17.54 -13.31 -8.37
C TYR A 181 16.44 -12.31 -8.67
N VAL A 182 16.58 -11.08 -8.19
CA VAL A 182 15.43 -10.17 -8.21
C VAL A 182 15.84 -8.82 -8.79
N VAL A 183 15.02 -8.31 -9.71
CA VAL A 183 15.21 -7.02 -10.35
C VAL A 183 13.96 -6.19 -10.12
N GLY A 184 14.13 -4.88 -9.97
CA GLY A 184 13.01 -3.99 -9.78
C GLY A 184 13.08 -2.81 -10.73
N SER A 185 11.89 -2.26 -11.03
CA SER A 185 11.82 -1.02 -11.79
C SER A 185 11.18 0.04 -10.91
N ALA A 186 11.65 1.27 -11.08
CA ALA A 186 11.16 2.42 -10.34
C ALA A 186 11.38 3.65 -11.20
N GLY A 187 10.85 4.78 -10.75
CA GLY A 187 10.72 5.94 -11.60
C GLY A 187 11.73 7.07 -11.44
N THR A 188 12.72 6.93 -10.57
CA THR A 188 13.75 7.96 -10.39
C THR A 188 15.10 7.30 -10.15
N LYS A 189 16.17 8.04 -10.42
CA LYS A 189 17.52 7.56 -10.11
C LYS A 189 17.64 7.23 -8.62
N ASP A 190 17.11 8.09 -7.75
CA ASP A 190 17.20 7.85 -6.31
C ASP A 190 16.50 6.56 -5.92
N LYS A 191 15.33 6.28 -6.50
CA LYS A 191 14.64 5.04 -6.17
C LYS A 191 15.41 3.84 -6.67
N VAL A 192 16.02 3.95 -7.86
CA VAL A 192 16.78 2.84 -8.43
C VAL A 192 18.02 2.55 -7.58
N ASP A 193 18.73 3.61 -7.14
CA ASP A 193 19.87 3.42 -6.25
C ASP A 193 19.44 2.78 -4.94
N MET A 194 18.29 3.19 -4.40
CA MET A 194 17.82 2.63 -3.14
C MET A 194 17.48 1.16 -3.27
N LEU A 195 16.95 0.74 -4.43
CA LEU A 195 16.65 -0.66 -4.64
C LEU A 195 17.89 -1.52 -4.47
N LYS A 196 19.01 -1.10 -5.07
CA LYS A 196 20.24 -1.87 -4.98
C LYS A 196 20.95 -1.69 -3.66
N ASN A 197 20.86 -0.50 -3.05
CA ASN A 197 21.65 -0.18 -1.87
C ASN A 197 20.98 -0.54 -0.55
N LYS A 198 19.65 -0.51 -0.47
CA LYS A 198 18.98 -0.80 0.80
C LYS A 198 18.03 -1.97 0.75
N PHE A 199 17.44 -2.28 -0.40
CA PHE A 199 16.46 -3.36 -0.49
C PHE A 199 17.08 -4.65 -1.05
N GLY A 200 18.38 -4.66 -1.31
CA GLY A 200 19.07 -5.87 -1.70
C GLY A 200 18.64 -6.46 -3.04
N PHE A 201 17.98 -5.67 -3.90
CA PHE A 201 17.72 -6.13 -5.26
C PHE A 201 19.03 -6.39 -6.00
N ASP A 202 19.04 -7.42 -6.85
CA ASP A 202 20.26 -7.72 -7.60
C ASP A 202 20.51 -6.69 -8.70
N ASP A 203 19.45 -6.16 -9.30
CA ASP A 203 19.61 -5.03 -10.21
C ASP A 203 18.29 -4.26 -10.27
N ALA A 204 18.35 -3.12 -10.95
CA ALA A 204 17.20 -2.24 -11.03
C ALA A 204 17.39 -1.31 -12.22
N PHE A 205 16.29 -0.76 -12.72
CA PHE A 205 16.37 0.21 -13.79
C PHE A 205 15.23 1.19 -13.69
N ASN A 206 15.47 2.39 -14.22
CA ASN A 206 14.49 3.47 -14.27
C ASN A 206 13.67 3.29 -15.54
N TYR A 207 12.43 2.80 -15.39
CA TYR A 207 11.60 2.54 -16.57
C TYR A 207 11.31 3.83 -17.35
N LYS A 208 11.40 5.00 -16.72
CA LYS A 208 11.09 6.23 -17.44
C LYS A 208 12.16 6.59 -18.46
N GLU A 209 13.35 5.98 -18.38
CA GLU A 209 14.43 6.29 -19.31
C GLU A 209 14.74 5.12 -20.24
N GLU A 210 13.96 4.05 -20.17
CA GLU A 210 14.07 2.92 -21.08
C GLU A 210 13.09 3.12 -22.23
N HIS A 211 13.63 3.27 -23.44
CA HIS A 211 12.81 3.45 -24.63
C HIS A 211 12.31 2.13 -25.21
N ASP A 212 12.75 1.00 -24.66
CA ASP A 212 12.35 -0.31 -25.18
C ASP A 212 12.32 -1.24 -23.96
N LEU A 213 11.12 -1.39 -23.39
CA LEU A 213 10.99 -2.17 -22.16
C LEU A 213 11.34 -3.63 -22.39
N ASP A 214 11.04 -4.17 -23.57
CA ASP A 214 11.42 -5.54 -23.86
C ASP A 214 12.93 -5.71 -23.81
N ALA A 215 13.66 -4.80 -24.45
CA ALA A 215 15.12 -4.87 -24.45
C ALA A 215 15.67 -4.78 -23.04
N ALA A 216 15.09 -3.89 -22.20
CA ALA A 216 15.55 -3.75 -20.83
C ALA A 216 15.37 -5.06 -20.07
N LEU A 217 14.21 -5.70 -20.22
CA LEU A 217 13.97 -6.93 -19.49
C LEU A 217 14.91 -8.03 -19.97
N LYS A 218 15.21 -8.07 -21.28
CA LYS A 218 16.13 -9.08 -21.78
C LYS A 218 17.56 -8.86 -21.28
N ARG A 219 17.94 -7.60 -21.01
CA ARG A 219 19.23 -7.32 -20.39
C ARG A 219 19.36 -8.07 -19.07
N TYR A 220 18.34 -7.96 -18.22
CA TYR A 220 18.41 -8.48 -16.86
C TYR A 220 17.94 -9.91 -16.76
N PHE A 221 17.08 -10.36 -17.69
CA PHE A 221 16.52 -11.71 -17.68
C PHE A 221 16.77 -12.39 -19.02
N PRO A 222 18.03 -12.77 -19.30
CA PRO A 222 18.33 -13.41 -20.60
C PRO A 222 17.55 -14.70 -20.84
N GLU A 223 17.20 -15.43 -19.79
CA GLU A 223 16.45 -16.68 -19.91
C GLU A 223 15.03 -16.55 -19.36
N GLY A 224 14.55 -15.33 -19.13
CA GLY A 224 13.16 -15.12 -18.80
C GLY A 224 12.93 -14.95 -17.30
N ILE A 225 11.68 -14.62 -16.99
CA ILE A 225 11.24 -14.27 -15.63
C ILE A 225 10.40 -15.41 -15.08
N ASP A 226 10.75 -15.92 -13.89
CA ASP A 226 9.93 -16.94 -13.24
C ASP A 226 8.70 -16.34 -12.58
N ILE A 227 8.87 -15.19 -11.92
CA ILE A 227 7.82 -14.54 -11.12
C ILE A 227 7.82 -13.06 -11.45
N TYR A 228 6.69 -12.55 -11.93
CA TYR A 228 6.48 -11.12 -12.07
C TYR A 228 5.50 -10.67 -10.98
N PHE A 229 5.95 -9.78 -10.10
CA PHE A 229 5.06 -9.18 -9.10
C PHE A 229 4.56 -7.88 -9.72
N ASP A 230 3.32 -7.88 -10.20
CA ASP A 230 2.78 -6.76 -10.95
C ASP A 230 2.14 -5.75 -10.02
N ASN A 231 2.71 -4.54 -9.97
CA ASN A 231 2.12 -3.43 -9.24
C ASN A 231 1.54 -2.36 -10.15
N VAL A 232 1.81 -2.42 -11.45
CA VAL A 232 1.55 -1.27 -12.31
C VAL A 232 0.64 -1.58 -13.50
N GLY A 233 0.65 -2.83 -13.98
CA GLY A 233 -0.20 -3.12 -15.14
C GLY A 233 0.30 -2.42 -16.41
N GLY A 234 -0.62 -2.26 -17.37
CA GLY A 234 -0.35 -1.46 -18.55
C GLY A 234 0.86 -1.92 -19.37
N LYS A 235 1.58 -0.95 -19.93
CA LYS A 235 2.68 -1.26 -20.84
C LYS A 235 3.73 -2.15 -20.19
N MET A 236 4.02 -1.93 -18.91
CA MET A 236 5.02 -2.77 -18.25
C MET A 236 4.57 -4.21 -18.22
N LEU A 237 3.31 -4.45 -17.81
CA LEU A 237 2.78 -5.81 -17.87
C LEU A 237 2.89 -6.39 -19.27
N ASP A 238 2.57 -5.59 -20.28
CA ASP A 238 2.60 -6.10 -21.66
C ASP A 238 4.03 -6.46 -22.08
N ALA A 239 5.03 -5.66 -21.66
CA ALA A 239 6.42 -5.99 -21.97
C ALA A 239 6.90 -7.24 -21.24
N VAL A 240 6.39 -7.47 -20.02
CA VAL A 240 6.81 -8.64 -19.24
C VAL A 240 6.33 -9.94 -19.90
N LEU A 241 5.09 -9.96 -20.39
CA LEU A 241 4.47 -11.22 -20.80
C LEU A 241 5.33 -12.05 -21.74
N PRO A 242 5.88 -11.51 -22.84
CA PRO A 242 6.75 -12.32 -23.71
C PRO A 242 8.07 -12.72 -23.07
N ASN A 243 8.41 -12.17 -21.90
CA ASN A 243 9.66 -12.46 -21.21
C ASN A 243 9.49 -13.42 -20.04
N MET A 244 8.28 -13.93 -19.83
CA MET A 244 8.08 -14.95 -18.80
C MET A 244 8.69 -16.28 -19.23
N LYS A 245 9.25 -16.99 -18.26
CA LYS A 245 9.63 -18.38 -18.47
C LYS A 245 8.39 -19.27 -18.56
N THR A 246 8.57 -20.44 -19.16
CA THR A 246 7.53 -21.46 -19.11
C THR A 246 7.15 -21.75 -17.66
N LYS A 247 5.84 -21.79 -17.41
CA LYS A 247 5.28 -22.03 -16.08
C LYS A 247 5.58 -20.87 -15.12
N GLY A 248 5.93 -19.71 -15.66
CA GLY A 248 6.05 -18.54 -14.84
C GLY A 248 4.73 -18.12 -14.21
N ARG A 249 4.84 -17.28 -13.19
CA ARG A 249 3.68 -16.83 -12.44
C ARG A 249 3.71 -15.31 -12.39
N ILE A 250 2.54 -14.71 -12.60
CA ILE A 250 2.34 -13.27 -12.45
C ILE A 250 1.41 -13.07 -11.26
N ALA A 251 1.92 -12.42 -10.21
CA ALA A 251 1.09 -12.03 -9.06
C ALA A 251 0.47 -10.68 -9.39
N THR A 252 -0.84 -10.67 -9.60
CA THR A 252 -1.51 -9.44 -10.02
C THR A 252 -1.93 -8.70 -8.76
N CYS A 253 -1.03 -7.88 -8.24
CA CYS A 253 -1.28 -7.13 -7.01
C CYS A 253 -2.00 -5.82 -7.26
N GLY A 254 -1.54 -5.03 -8.23
CA GLY A 254 -2.26 -3.82 -8.57
C GLY A 254 -1.88 -3.38 -9.97
N MET A 255 -2.51 -2.32 -10.44
CA MET A 255 -2.26 -1.83 -11.79
C MET A 255 -2.31 -0.30 -11.79
N ILE A 256 -1.45 0.32 -10.97
CA ILE A 256 -1.60 1.74 -10.69
C ILE A 256 -1.47 2.59 -11.94
N SER A 257 -0.82 2.10 -13.00
CA SER A 257 -0.81 2.91 -14.22
C SER A 257 -2.19 3.11 -14.83
N GLN A 258 -3.20 2.35 -14.41
CA GLN A 258 -4.55 2.43 -14.97
C GLN A 258 -5.52 3.27 -14.14
N TYR A 259 -5.18 3.59 -12.89
CA TYR A 259 -6.23 4.02 -11.96
C TYR A 259 -6.80 5.38 -12.30
N ASN A 260 -6.10 6.19 -13.08
CA ASN A 260 -6.57 7.53 -13.39
C ASN A 260 -6.97 7.69 -14.84
N LEU A 261 -7.13 6.59 -15.57
CA LEU A 261 -7.55 6.61 -16.97
C LEU A 261 -9.06 6.39 -17.06
N ASP A 262 -9.71 7.14 -17.95
CA ASP A 262 -11.11 6.87 -18.22
C ASP A 262 -11.29 5.58 -18.99
N GLU A 263 -10.39 5.30 -19.93
CA GLU A 263 -10.38 4.03 -20.65
C GLU A 263 -9.08 3.29 -20.34
N ALA A 264 -9.19 2.08 -19.79
CA ALA A 264 -8.01 1.28 -19.49
C ALA A 264 -7.25 0.96 -20.78
N GLU A 265 -5.93 0.86 -20.66
CA GLU A 265 -5.11 0.57 -21.83
C GLU A 265 -5.28 -0.88 -22.24
N GLY A 266 -5.15 -1.14 -23.55
CA GLY A 266 -5.22 -2.51 -24.04
C GLY A 266 -3.91 -3.25 -23.82
N VAL A 267 -3.99 -4.46 -23.28
CA VAL A 267 -2.84 -5.35 -23.14
C VAL A 267 -2.90 -6.35 -24.29
N ARG A 268 -1.85 -6.42 -25.09
CA ARG A 268 -1.91 -7.13 -26.36
C ARG A 268 -1.15 -8.45 -26.38
N ASN A 269 -0.39 -8.79 -25.34
CA ASN A 269 0.45 -9.98 -25.38
C ASN A 269 -0.11 -11.13 -24.53
N LEU A 270 -1.41 -11.16 -24.30
CA LEU A 270 -1.95 -12.21 -23.43
C LEU A 270 -1.83 -13.60 -24.04
N PHE A 271 -1.61 -13.72 -25.36
CA PHE A 271 -1.38 -15.03 -25.94
C PHE A 271 -0.20 -15.73 -25.27
N CYS A 272 0.72 -14.96 -24.69
CA CYS A 272 1.83 -15.55 -23.97
C CYS A 272 1.38 -16.34 -22.76
N ILE A 273 0.19 -16.04 -22.22
CA ILE A 273 -0.37 -16.85 -21.14
C ILE A 273 -0.43 -18.32 -21.57
N MET A 274 -0.82 -18.57 -22.82
CA MET A 274 -0.85 -19.93 -23.33
C MET A 274 0.55 -20.42 -23.67
N THR A 275 1.28 -19.67 -24.51
CA THR A 275 2.53 -20.18 -25.07
C THR A 275 3.58 -20.41 -23.98
N LYS A 276 3.60 -19.57 -22.94
CA LYS A 276 4.50 -19.75 -21.81
C LYS A 276 3.85 -20.45 -20.63
N GLN A 277 2.60 -20.87 -20.75
CA GLN A 277 1.90 -21.59 -19.69
C GLN A 277 1.98 -20.86 -18.36
N ILE A 278 1.61 -19.57 -18.38
CA ILE A 278 1.71 -18.69 -17.23
C ILE A 278 0.49 -18.85 -16.34
N ARG A 279 0.70 -18.76 -15.03
CA ARG A 279 -0.40 -18.64 -14.07
C ARG A 279 -0.43 -17.19 -13.58
N MET A 280 -1.39 -16.42 -14.06
CA MET A 280 -1.62 -15.03 -13.65
C MET A 280 -2.76 -15.00 -12.64
N GLN A 281 -2.48 -14.54 -11.42
CA GLN A 281 -3.47 -14.67 -10.35
C GLN A 281 -3.55 -13.38 -9.56
N GLY A 282 -4.76 -12.82 -9.48
CA GLY A 282 -5.00 -11.66 -8.65
C GLY A 282 -5.48 -12.05 -7.29
N TYR A 283 -5.46 -11.09 -6.37
CA TYR A 283 -5.85 -11.33 -4.99
C TYR A 283 -6.13 -10.00 -4.34
N LEU A 284 -6.92 -10.05 -3.27
CA LEU A 284 -7.25 -8.88 -2.46
C LEU A 284 -6.77 -9.19 -1.05
N VAL A 285 -5.88 -8.33 -0.52
CA VAL A 285 -5.22 -8.61 0.76
C VAL A 285 -6.22 -8.89 1.88
N TYR A 286 -7.43 -8.29 1.83
CA TYR A 286 -8.37 -8.50 2.91
C TYR A 286 -8.72 -9.97 3.07
N TYR A 287 -8.63 -10.75 2.00
CA TYR A 287 -8.90 -12.18 2.09
C TYR A 287 -7.73 -12.96 2.67
N TYR A 288 -6.65 -12.28 3.08
CA TYR A 288 -5.47 -12.94 3.63
C TYR A 288 -5.15 -12.48 5.04
N ARG A 289 -6.13 -11.87 5.74
CA ARG A 289 -5.91 -11.33 7.07
C ARG A 289 -5.47 -12.40 8.07
N HIS A 290 -5.83 -13.66 7.83
CA HIS A 290 -5.39 -14.76 8.68
C HIS A 290 -3.89 -15.01 8.59
N LEU A 291 -3.20 -14.41 7.62
CA LEU A 291 -1.76 -14.58 7.52
C LEU A 291 -0.98 -13.54 8.31
N TYR A 292 -1.67 -12.56 8.95
CA TYR A 292 -0.94 -11.57 9.75
C TYR A 292 0.04 -12.18 10.74
N PRO A 293 -0.30 -13.23 11.51
CA PRO A 293 0.73 -13.83 12.38
C PRO A 293 1.94 -14.32 11.63
N LYS A 294 1.75 -14.90 10.43
CA LYS A 294 2.89 -15.38 9.67
C LYS A 294 3.77 -14.23 9.20
N LEU A 295 3.14 -13.12 8.79
CA LEU A 295 3.91 -11.93 8.46
C LEU A 295 4.73 -11.46 9.65
N PHE A 296 4.10 -11.30 10.81
CA PHE A 296 4.82 -10.78 11.96
C PHE A 296 5.95 -11.70 12.37
N ASP A 297 5.70 -13.02 12.36
CA ASP A 297 6.71 -13.97 12.80
C ASP A 297 7.94 -13.91 11.91
N LEU A 298 7.74 -13.66 10.62
CA LEU A 298 8.85 -13.57 9.68
C LEU A 298 9.61 -12.25 9.81
N VAL A 299 8.91 -11.12 9.74
CA VAL A 299 9.59 -9.84 9.55
C VAL A 299 10.04 -9.20 10.86
N VAL A 300 9.31 -9.42 11.96
CA VAL A 300 9.67 -8.76 13.22
C VAL A 300 11.08 -9.12 13.67
N PRO A 301 11.50 -10.40 13.69
CA PRO A 301 12.90 -10.66 14.03
C PRO A 301 13.88 -10.02 13.07
N LEU A 302 13.58 -10.03 11.77
CA LEU A 302 14.49 -9.45 10.78
C LEU A 302 14.62 -7.95 10.96
N LEU A 303 13.50 -7.27 11.21
CA LEU A 303 13.56 -5.84 11.51
C LEU A 303 14.43 -5.57 12.73
N ARG A 304 14.29 -6.38 13.78
CA ARG A 304 15.04 -6.14 15.01
C ARG A 304 16.54 -6.26 14.76
N GLN A 305 16.94 -7.19 13.89
CA GLN A 305 18.34 -7.37 13.56
C GLN A 305 18.81 -6.42 12.47
N GLY A 306 17.92 -5.58 11.93
CA GLY A 306 18.29 -4.75 10.80
C GLY A 306 18.59 -5.51 9.53
N LYS A 307 18.08 -6.74 9.38
CA LYS A 307 18.28 -7.54 8.19
C LYS A 307 17.23 -7.28 7.12
N ILE A 308 16.14 -6.60 7.47
CA ILE A 308 15.18 -6.12 6.51
C ILE A 308 14.98 -4.63 6.77
N ASN A 309 14.90 -3.86 5.71
CA ASN A 309 14.76 -2.41 5.79
C ASN A 309 13.36 -2.02 5.36
N TYR A 310 12.81 -0.97 5.98
CA TYR A 310 11.56 -0.37 5.52
C TYR A 310 11.74 1.13 5.45
N VAL A 311 11.44 1.71 4.29
CA VAL A 311 11.61 3.13 4.05
C VAL A 311 10.22 3.73 3.92
N GLU A 312 9.94 4.75 4.74
CA GLU A 312 8.69 5.47 4.73
C GLU A 312 8.90 6.90 4.27
N ASP A 313 7.82 7.47 3.75
CA ASP A 313 7.74 8.89 3.40
C ASP A 313 6.73 9.53 4.35
N VAL A 314 7.19 10.36 5.27
CA VAL A 314 6.33 10.92 6.31
C VAL A 314 6.01 12.38 5.95
N ALA A 315 4.76 12.64 5.56
CA ALA A 315 4.25 13.99 5.40
C ALA A 315 3.76 14.51 6.75
N GLU A 316 4.09 15.77 7.06
CA GLU A 316 3.82 16.32 8.38
C GLU A 316 2.52 17.12 8.36
N GLY A 317 1.58 16.71 9.20
CA GLY A 317 0.35 17.46 9.41
C GLY A 317 -0.82 16.94 8.59
N LEU A 318 -2.01 16.92 9.19
CA LEU A 318 -3.21 16.51 8.48
C LEU A 318 -3.40 17.27 7.17
N GLU A 319 -3.08 18.58 7.18
CA GLU A 319 -3.30 19.41 6.00
C GLU A 319 -2.45 18.96 4.82
N SER A 320 -1.37 18.23 5.05
CA SER A 320 -0.53 17.73 3.97
C SER A 320 -1.06 16.45 3.35
N ALA A 321 -2.09 15.84 3.93
CA ALA A 321 -2.56 14.54 3.46
C ALA A 321 -3.08 14.57 2.02
N PRO A 322 -3.91 15.53 1.59
CA PRO A 322 -4.38 15.49 0.18
C PRO A 322 -3.25 15.47 -0.84
N ALA A 323 -2.23 16.31 -0.66
CA ALA A 323 -1.11 16.32 -1.59
C ALA A 323 -0.34 15.02 -1.51
N ALA A 324 -0.22 14.44 -0.30
CA ALA A 324 0.49 13.18 -0.16
C ALA A 324 -0.19 12.07 -0.95
N LEU A 325 -1.53 12.05 -0.93
CA LEU A 325 -2.26 11.04 -1.67
C LEU A 325 -2.14 11.27 -3.17
N ILE A 326 -2.27 12.52 -3.61
CA ILE A 326 -2.16 12.80 -5.03
C ILE A 326 -0.76 12.47 -5.52
N GLY A 327 0.26 12.69 -4.67
CA GLY A 327 1.63 12.43 -5.07
C GLY A 327 1.93 10.98 -5.43
N LEU A 328 1.14 10.04 -4.89
CA LEU A 328 1.34 8.63 -5.22
C LEU A 328 1.30 8.40 -6.72
N PHE A 329 0.45 9.13 -7.42
CA PHE A 329 0.21 8.84 -8.83
C PHE A 329 1.21 9.52 -9.73
N SER A 330 2.08 10.36 -9.16
CA SER A 330 3.24 10.88 -9.86
C SER A 330 4.55 10.34 -9.30
N GLY A 331 4.50 9.40 -8.37
CA GLY A 331 5.73 8.86 -7.81
C GLY A 331 6.46 9.83 -6.91
N ARG A 332 5.72 10.78 -6.33
CA ARG A 332 6.30 11.72 -5.39
C ARG A 332 6.79 11.04 -4.12
N ASN A 333 6.13 9.97 -3.70
CA ASN A 333 6.54 9.27 -2.48
C ASN A 333 7.82 8.49 -2.72
N VAL A 334 8.66 8.47 -1.70
CA VAL A 334 9.83 7.58 -1.68
C VAL A 334 9.57 6.57 -0.56
N GLY A 335 9.11 5.38 -0.92
CA GLY A 335 8.72 4.42 0.09
C GLY A 335 7.26 4.60 0.48
N LYS A 336 6.90 3.99 1.62
CA LYS A 336 5.52 3.97 2.06
C LYS A 336 5.08 5.36 2.49
N GLN A 337 4.03 5.88 1.85
CA GLN A 337 3.56 7.23 2.16
C GLN A 337 2.67 7.21 3.41
N VAL A 338 3.04 7.99 4.43
CA VAL A 338 2.21 8.18 5.61
C VAL A 338 2.09 9.66 5.89
N VAL A 339 1.11 10.01 6.72
CA VAL A 339 0.88 11.38 7.19
C VAL A 339 0.93 11.36 8.71
N ARG A 340 1.78 12.21 9.29
CA ARG A 340 1.83 12.35 10.75
C ARG A 340 0.84 13.44 11.16
N VAL A 341 -0.26 13.03 11.76
CA VAL A 341 -1.27 13.97 12.22
C VAL A 341 -0.88 14.57 13.57
N ALA A 342 -0.46 13.71 14.50
CA ALA A 342 -0.06 14.16 15.82
C ALA A 342 1.01 13.25 16.40
N THR A 343 1.82 13.77 17.31
CA THR A 343 2.76 12.95 18.07
C THR A 343 2.09 12.21 19.21
N GLU A 344 2.67 11.07 19.59
CA GLU A 344 2.18 10.27 20.70
C GLU A 344 2.83 8.88 20.68
#